data_7V1J
#
_entry.id   7V1J
#
_cell.length_a   34.965
_cell.length_b   89.639
_cell.length_c   43.901
_cell.angle_alpha   90.000
_cell.angle_beta   91.380
_cell.angle_gamma   90.000
#
_symmetry.space_group_name_H-M   'P 1 21 1'
#
loop_
_entity.id
_entity.type
_entity.pdbx_description
1 polymer 'Core protein'
2 non-polymer "P1-7-METHYLGUANOSINE-P3-ADENOSINE-5',5'-TRIPHOSPHATE"
3 non-polymer S-ADENOSYL-L-HOMOCYSTEINE
4 water water
#
_entity_poly.entity_id   1
_entity_poly.type   'polypeptide(L)'
_entity_poly.pdbx_seq_one_letter_code
;MTLGDLWKRRLNNCTKEEFFAYRRTGILETERDKARELLRKGETNMGLAVSRGTAKLAWLEERGYVNLKGEVVDLGCGRG
GWSYYAASRPAVMGVKAYTIGGKGHEAPKMVTSLGWNLIKFRAGMDVFTMQPHRADTVMCDIGESSPDAAIEGERTRKVI
LLMEQWKNRNPSASCVFKVLAPYRPEVIEALHRFQLQWGGGLVRTPFSRNSTHEMYYSTAISGNIVNSVNVQSRKLLARF
GDQRGPIRVPEMDLGVGTRHHHHHH
;
_entity_poly.pdbx_strand_id   A
#
# COMPACT_ATOMS: atom_id res chain seq x y z
N MET A 1 -2.65 25.06 8.17
CA MET A 1 -3.12 24.24 7.05
C MET A 1 -1.94 24.00 6.08
N THR A 2 -1.86 22.80 5.50
CA THR A 2 -0.72 22.42 4.66
C THR A 2 -1.08 22.48 3.19
N LEU A 3 -0.08 22.34 2.34
CA LEU A 3 -0.37 22.29 0.91
C LEU A 3 -1.24 21.09 0.57
N GLY A 4 -0.99 19.94 1.23
CA GLY A 4 -1.84 18.78 0.99
C GLY A 4 -3.26 18.99 1.45
N ASP A 5 -3.46 19.70 2.56
CA ASP A 5 -4.83 20.02 2.99
C ASP A 5 -5.56 20.80 1.91
N LEU A 6 -4.87 21.74 1.26
CA LEU A 6 -5.49 22.50 0.18
C LEU A 6 -5.77 21.62 -1.04
N TRP A 7 -4.84 20.72 -1.37
CA TRP A 7 -5.10 19.74 -2.44
C TRP A 7 -6.39 18.96 -2.18
N LYS A 8 -6.61 18.53 -0.93
CA LYS A 8 -7.82 17.78 -0.62
C LYS A 8 -9.08 18.62 -0.84
N ARG A 9 -9.06 19.87 -0.37
CA ARG A 9 -10.22 20.75 -0.56
C ARG A 9 -10.45 21.05 -2.02
N ARG A 10 -9.37 21.23 -2.80
CA ARG A 10 -9.56 21.49 -4.23
C ARG A 10 -10.09 20.25 -4.92
N LEU A 11 -9.59 19.08 -4.53
CA LEU A 11 -10.15 17.82 -5.04
C LEU A 11 -11.64 17.74 -4.76
N ASN A 12 -12.06 17.96 -3.51
CA ASN A 12 -13.48 17.88 -3.19
C ASN A 12 -14.30 18.97 -3.85
N ASN A 13 -13.68 20.07 -4.27
CA ASN A 13 -14.39 21.15 -4.97
C ASN A 13 -14.58 20.86 -6.46
N CYS A 14 -13.95 19.82 -7.02
CA CYS A 14 -14.12 19.50 -8.43
C CYS A 14 -15.56 19.14 -8.78
N THR A 15 -16.01 19.56 -9.96
CA THR A 15 -17.22 18.96 -10.51
C THR A 15 -16.93 17.49 -10.84
N LYS A 16 -18.02 16.74 -11.08
CA LYS A 16 -17.87 15.36 -11.55
C LYS A 16 -16.92 15.28 -12.74
N GLU A 17 -17.12 16.13 -13.75
CA GLU A 17 -16.29 16.05 -14.94
C GLU A 17 -14.84 16.36 -14.61
N GLU A 18 -14.61 17.39 -13.80
CA GLU A 18 -13.23 17.68 -13.43
C GLU A 18 -12.64 16.54 -12.61
N PHE A 19 -13.46 15.88 -11.79
CA PHE A 19 -12.96 14.75 -11.00
C PHE A 19 -12.53 13.59 -11.88
N PHE A 20 -13.41 13.14 -12.80
CA PHE A 20 -13.05 12.05 -13.70
C PHE A 20 -11.81 12.37 -14.53
N ALA A 21 -11.71 13.61 -15.01
CA ALA A 21 -10.55 14.01 -15.81
C ALA A 21 -9.27 14.00 -14.97
N TYR A 22 -9.37 14.28 -13.68
CA TYR A 22 -8.18 14.46 -12.84
C TYR A 22 -7.65 13.13 -12.30
N ARG A 23 -8.53 12.19 -11.98
CA ARG A 23 -8.14 11.10 -11.09
C ARG A 23 -7.04 10.24 -11.69
N ARG A 24 -7.06 10.00 -13.00
CA ARG A 24 -6.10 9.08 -13.59
C ARG A 24 -5.16 9.75 -14.59
N THR A 25 -5.08 11.08 -14.60
CA THR A 25 -4.22 11.72 -15.59
C THR A 25 -2.76 11.51 -15.24
N GLY A 26 -1.99 11.03 -16.21
CA GLY A 26 -0.56 10.88 -16.05
C GLY A 26 -0.09 9.74 -15.15
N ILE A 27 -0.98 8.87 -14.70
CA ILE A 27 -0.58 7.76 -13.82
C ILE A 27 -0.43 6.48 -14.63
N LEU A 28 0.36 5.56 -14.10
CA LEU A 28 0.42 4.21 -14.64
C LEU A 28 -0.78 3.40 -14.17
N GLU A 29 -1.32 2.59 -15.09
CA GLU A 29 -2.48 1.77 -14.83
C GLU A 29 -2.24 0.40 -15.43
N THR A 30 -2.29 -0.65 -14.61
CA THR A 30 -2.15 -1.98 -15.17
C THR A 30 -3.39 -2.36 -15.98
N GLU A 31 -3.18 -3.16 -17.03
CA GLU A 31 -4.26 -3.65 -17.87
C GLU A 31 -4.87 -4.90 -17.24
N ARG A 32 -6.09 -4.78 -16.71
CA ARG A 32 -6.70 -5.87 -15.96
C ARG A 32 -7.88 -6.52 -16.69
N ASP A 33 -7.94 -6.39 -18.02
CA ASP A 33 -9.06 -6.96 -18.75
C ASP A 33 -9.19 -8.46 -18.50
N LYS A 34 -8.10 -9.22 -18.64
CA LYS A 34 -8.15 -10.66 -18.39
C LYS A 34 -8.20 -10.96 -16.89
N ALA A 35 -7.27 -10.37 -16.12
CA ALA A 35 -7.26 -10.59 -14.68
C ALA A 35 -8.67 -10.47 -14.08
N ARG A 36 -9.36 -9.37 -14.38
CA ARG A 36 -10.58 -9.05 -13.64
C ARG A 36 -11.64 -10.12 -13.80
N GLU A 37 -11.85 -10.60 -15.02
CA GLU A 37 -12.90 -11.57 -15.23
C GLU A 37 -12.51 -12.94 -14.68
N LEU A 38 -11.27 -13.36 -14.93
CA LEU A 38 -10.79 -14.62 -14.36
C LEU A 38 -11.13 -14.71 -12.89
N LEU A 39 -10.95 -13.60 -12.16
CA LEU A 39 -11.16 -13.61 -10.73
C LEU A 39 -12.62 -13.88 -10.38
N ARG A 40 -13.55 -13.27 -11.11
CA ARG A 40 -14.93 -13.50 -10.74
C ARG A 40 -15.59 -14.57 -11.59
N LYS A 41 -14.89 -15.10 -12.59
CA LYS A 41 -15.24 -16.40 -13.14
C LYS A 41 -14.83 -17.54 -12.23
N GLY A 42 -14.25 -17.24 -11.06
CA GLY A 42 -13.85 -18.27 -10.14
C GLY A 42 -12.65 -19.09 -10.55
N GLU A 43 -11.90 -18.66 -11.56
CA GLU A 43 -10.68 -19.36 -11.93
C GLU A 43 -9.63 -19.17 -10.84
N THR A 44 -9.09 -20.29 -10.32
CA THR A 44 -8.06 -20.19 -9.28
C THR A 44 -6.66 -20.48 -9.78
N ASN A 45 -6.52 -21.08 -10.95
CA ASN A 45 -5.18 -21.30 -11.47
C ASN A 45 -4.82 -20.08 -12.30
N MET A 46 -4.25 -19.08 -11.65
CA MET A 46 -3.87 -17.87 -12.36
C MET A 46 -2.81 -17.15 -11.54
N GLY A 47 -1.89 -16.50 -12.25
CA GLY A 47 -0.82 -15.77 -11.59
C GLY A 47 -0.90 -14.29 -11.86
N LEU A 48 -1.90 -13.87 -12.65
CA LEU A 48 -2.16 -12.46 -12.85
C LEU A 48 -2.57 -11.85 -11.52
N ALA A 49 -2.21 -10.58 -11.30
CA ALA A 49 -2.40 -9.98 -9.99
C ALA A 49 -3.88 -9.98 -9.60
N VAL A 50 -4.14 -10.30 -8.33
CA VAL A 50 -5.52 -10.29 -7.82
C VAL A 50 -6.03 -8.89 -7.51
N SER A 51 -5.16 -7.87 -7.59
CA SER A 51 -5.54 -6.48 -7.31
C SER A 51 -4.49 -5.56 -7.90
N ARG A 52 -4.81 -4.27 -7.91
CA ARG A 52 -3.81 -3.28 -8.30
C ARG A 52 -2.71 -3.08 -7.25
N GLY A 53 -2.83 -3.74 -6.10
CA GLY A 53 -1.80 -3.63 -5.07
C GLY A 53 -0.49 -4.30 -5.46
N THR A 54 -0.55 -5.38 -6.25
CA THR A 54 0.65 -6.16 -6.54
C THR A 54 1.68 -5.32 -7.29
N ALA A 55 1.24 -4.59 -8.33
CA ALA A 55 2.21 -3.80 -9.10
C ALA A 55 2.85 -2.70 -8.25
N LYS A 56 2.15 -2.19 -7.23
CA LYS A 56 2.72 -1.14 -6.38
C LYS A 56 3.87 -1.68 -5.53
N LEU A 57 3.66 -2.83 -4.90
CA LEU A 57 4.74 -3.42 -4.11
C LEU A 57 5.88 -3.88 -5.01
N ALA A 58 5.55 -4.49 -6.16
CA ALA A 58 6.59 -4.88 -7.10
C ALA A 58 7.47 -3.68 -7.47
N TRP A 59 6.84 -2.54 -7.78
CA TRP A 59 7.60 -1.35 -8.13
C TRP A 59 8.53 -0.94 -6.98
N LEU A 60 8.01 -0.92 -5.76
CA LEU A 60 8.86 -0.61 -4.60
C LEU A 60 10.05 -1.58 -4.51
N GLU A 61 9.79 -2.88 -4.67
N GLU A 61 9.80 -2.87 -4.69
CA GLU A 61 10.88 -3.84 -4.61
CA GLU A 61 10.93 -3.81 -4.58
C GLU A 61 11.87 -3.65 -5.75
C GLU A 61 11.88 -3.66 -5.76
N GLU A 62 11.36 -3.55 -6.99
CA GLU A 62 12.27 -3.46 -8.14
C GLU A 62 13.09 -2.17 -8.12
N ARG A 63 12.59 -1.13 -7.48
CA ARG A 63 13.35 0.10 -7.27
C ARG A 63 14.37 -0.02 -6.15
N GLY A 64 14.34 -1.09 -5.37
CA GLY A 64 15.23 -1.21 -4.24
C GLY A 64 14.75 -0.48 -3.01
N TYR A 65 13.48 -0.14 -2.94
CA TYR A 65 12.95 0.65 -1.83
C TYR A 65 12.35 -0.19 -0.71
N VAL A 66 12.23 -1.50 -0.87
CA VAL A 66 11.76 -2.36 0.21
C VAL A 66 12.59 -3.64 0.25
N ASN A 67 12.78 -4.16 1.45
CA ASN A 67 13.46 -5.44 1.65
C ASN A 67 12.40 -6.45 2.06
N LEU A 68 12.02 -7.36 1.14
CA LEU A 68 11.06 -8.41 1.45
C LEU A 68 11.80 -9.72 1.65
N LYS A 69 11.81 -10.23 2.88
CA LYS A 69 12.57 -11.46 3.11
C LYS A 69 12.07 -12.18 4.37
N GLY A 70 12.42 -13.47 4.47
CA GLY A 70 12.16 -14.19 5.70
C GLY A 70 10.68 -14.38 5.97
N GLU A 71 10.29 -14.23 7.24
CA GLU A 71 8.88 -14.37 7.61
C GLU A 71 8.19 -13.02 7.47
N VAL A 72 7.22 -12.96 6.57
CA VAL A 72 6.49 -11.75 6.22
C VAL A 72 5.14 -11.77 6.90
N VAL A 73 4.70 -10.63 7.42
CA VAL A 73 3.31 -10.42 7.79
C VAL A 73 2.73 -9.32 6.92
N ASP A 74 1.51 -9.55 6.46
CA ASP A 74 0.76 -8.62 5.62
C ASP A 74 -0.45 -8.20 6.43
N LEU A 75 -0.42 -6.96 6.93
CA LEU A 75 -1.44 -6.47 7.84
C LEU A 75 -2.46 -5.70 7.01
N GLY A 76 -3.70 -6.19 6.99
CA GLY A 76 -4.69 -5.63 6.09
C GLY A 76 -4.49 -6.11 4.66
N CYS A 77 -4.48 -7.44 4.49
CA CYS A 77 -4.08 -7.99 3.19
C CYS A 77 -5.17 -7.83 2.13
N GLY A 78 -6.41 -7.61 2.53
CA GLY A 78 -7.50 -7.47 1.57
C GLY A 78 -7.58 -8.66 0.63
N ARG A 79 -7.68 -8.38 -0.69
CA ARG A 79 -7.67 -9.47 -1.67
C ARG A 79 -6.36 -10.24 -1.70
N GLY A 80 -5.27 -9.65 -1.23
CA GLY A 80 -4.02 -10.35 -1.07
C GLY A 80 -2.94 -10.02 -2.11
N GLY A 81 -3.09 -8.92 -2.85
CA GLY A 81 -2.12 -8.61 -3.89
C GLY A 81 -0.71 -8.47 -3.37
N TRP A 82 -0.54 -8.00 -2.13
CA TRP A 82 0.79 -7.92 -1.55
C TRP A 82 1.25 -9.27 -1.02
N SER A 83 0.31 -10.05 -0.51
CA SER A 83 0.65 -11.38 0.02
C SER A 83 1.15 -12.28 -1.10
N TYR A 84 0.44 -12.29 -2.23
CA TYR A 84 0.88 -13.08 -3.37
C TYR A 84 2.21 -12.59 -3.92
N TYR A 85 2.41 -11.27 -3.98
CA TYR A 85 3.70 -10.78 -4.44
C TYR A 85 4.82 -11.25 -3.52
N ALA A 86 4.64 -11.07 -2.21
CA ALA A 86 5.66 -11.51 -1.25
C ALA A 86 5.93 -13.00 -1.38
N ALA A 87 4.88 -13.82 -1.43
CA ALA A 87 5.07 -15.27 -1.49
C ALA A 87 5.86 -15.69 -2.71
N SER A 88 5.80 -14.90 -3.80
CA SER A 88 6.52 -15.25 -5.02
C SER A 88 8.01 -14.94 -4.95
N ARG A 89 8.46 -14.19 -3.95
N ARG A 89 8.48 -14.21 -3.93
CA ARG A 89 9.87 -13.79 -3.86
CA ARG A 89 9.87 -13.77 -3.83
C ARG A 89 10.71 -14.90 -3.24
C ARG A 89 10.74 -14.87 -3.21
N PRO A 90 11.83 -15.26 -3.86
CA PRO A 90 12.65 -16.36 -3.30
C PRO A 90 13.18 -16.10 -1.90
N ALA A 91 13.48 -14.85 -1.53
CA ALA A 91 13.97 -14.60 -0.19
C ALA A 91 12.88 -14.72 0.87
N VAL A 92 11.62 -14.75 0.47
CA VAL A 92 10.51 -14.85 1.42
C VAL A 92 10.27 -16.32 1.73
N MET A 93 10.21 -16.65 3.01
CA MET A 93 9.99 -18.01 3.48
C MET A 93 8.53 -18.32 3.78
N GLY A 94 7.77 -17.34 4.22
CA GLY A 94 6.37 -17.54 4.53
C GLY A 94 5.69 -16.20 4.70
N VAL A 95 4.36 -16.23 4.56
CA VAL A 95 3.54 -15.02 4.66
C VAL A 95 2.37 -15.31 5.58
N LYS A 96 2.21 -14.51 6.62
CA LYS A 96 1.04 -14.57 7.47
C LYS A 96 0.24 -13.32 7.14
N ALA A 97 -0.94 -13.50 6.55
CA ALA A 97 -1.73 -12.42 5.99
C ALA A 97 -3.02 -12.30 6.80
N TYR A 98 -3.35 -11.08 7.20
CA TYR A 98 -4.48 -10.83 8.09
C TYR A 98 -5.36 -9.76 7.48
N THR A 99 -6.68 -9.96 7.49
CA THR A 99 -7.55 -8.89 7.02
C THR A 99 -8.90 -9.01 7.72
N ILE A 100 -9.61 -7.88 7.82
CA ILE A 100 -10.84 -7.87 8.62
C ILE A 100 -11.99 -8.55 7.89
N GLY A 101 -12.13 -8.32 6.58
CA GLY A 101 -13.25 -8.90 5.88
C GLY A 101 -14.56 -8.31 6.37
N GLY A 102 -15.65 -8.96 5.99
CA GLY A 102 -16.97 -8.45 6.35
C GLY A 102 -17.50 -7.45 5.34
N LYS A 103 -18.58 -6.76 5.74
CA LYS A 103 -19.27 -5.86 4.82
C LYS A 103 -18.40 -4.66 4.47
N GLY A 104 -18.25 -4.40 3.19
CA GLY A 104 -17.42 -3.29 2.75
C GLY A 104 -15.93 -3.53 2.88
N HIS A 105 -15.50 -4.79 3.02
CA HIS A 105 -14.09 -5.12 3.18
C HIS A 105 -13.78 -6.37 2.39
N GLU A 106 -12.72 -6.32 1.58
CA GLU A 106 -12.43 -7.44 0.68
C GLU A 106 -11.86 -8.61 1.46
N ALA A 107 -12.35 -9.80 1.13
CA ALA A 107 -11.81 -11.08 1.57
C ALA A 107 -10.66 -11.48 0.65
N PRO A 108 -9.75 -12.34 1.11
CA PRO A 108 -8.64 -12.78 0.25
C PRO A 108 -9.15 -13.50 -0.99
N LYS A 109 -8.54 -13.19 -2.13
CA LYS A 109 -8.81 -13.96 -3.35
C LYS A 109 -7.92 -15.19 -3.35
N MET A 110 -8.51 -16.35 -3.58
CA MET A 110 -7.78 -17.62 -3.47
C MET A 110 -7.34 -18.09 -4.86
N VAL A 111 -6.03 -18.07 -5.11
CA VAL A 111 -5.46 -18.50 -6.39
C VAL A 111 -4.16 -19.25 -6.13
N THR A 112 -3.65 -19.89 -7.19
CA THR A 112 -2.42 -20.68 -7.16
C THR A 112 -1.22 -19.88 -7.64
N SER A 113 -1.28 -18.54 -7.55
CA SER A 113 -0.15 -17.70 -7.87
C SER A 113 1.11 -18.18 -7.13
N LEU A 114 2.26 -18.02 -7.78
CA LEU A 114 3.47 -18.73 -7.35
C LEU A 114 3.78 -18.49 -5.89
N GLY A 115 3.89 -19.58 -5.14
CA GLY A 115 4.16 -19.51 -3.71
C GLY A 115 2.93 -19.47 -2.84
N TRP A 116 1.73 -19.62 -3.42
CA TRP A 116 0.49 -19.54 -2.65
C TRP A 116 0.53 -20.43 -1.41
N ASN A 117 1.27 -21.55 -1.48
CA ASN A 117 1.25 -22.51 -0.38
C ASN A 117 2.00 -22.01 0.84
N LEU A 118 2.77 -20.93 0.69
CA LEU A 118 3.51 -20.31 1.79
C LEU A 118 2.69 -19.26 2.54
N ILE A 119 1.46 -18.97 2.10
CA ILE A 119 0.62 -17.94 2.72
C ILE A 119 -0.38 -18.61 3.64
N LYS A 120 -0.47 -18.13 4.88
CA LYS A 120 -1.59 -18.45 5.75
C LYS A 120 -2.47 -17.21 5.84
N PHE A 121 -3.65 -17.29 5.23
CA PHE A 121 -4.62 -16.21 5.28
C PHE A 121 -5.48 -16.34 6.54
N ARG A 122 -5.69 -15.22 7.23
CA ARG A 122 -6.67 -15.17 8.32
C ARG A 122 -7.57 -13.98 8.13
N ALA A 123 -8.80 -14.23 7.70
CA ALA A 123 -9.82 -13.18 7.60
C ALA A 123 -10.54 -13.06 8.94
N GLY A 124 -11.32 -12.00 9.07
CA GLY A 124 -12.00 -11.76 10.34
C GLY A 124 -11.08 -11.27 11.44
N MET A 125 -9.89 -10.79 11.10
CA MET A 125 -8.89 -10.45 12.11
C MET A 125 -8.69 -8.94 12.08
N ASP A 126 -8.86 -8.28 13.22
CA ASP A 126 -8.54 -6.87 13.32
C ASP A 126 -7.08 -6.71 13.74
N VAL A 127 -6.26 -6.13 12.86
CA VAL A 127 -4.83 -6.06 13.15
C VAL A 127 -4.51 -5.02 14.23
N PHE A 128 -5.41 -4.05 14.46
CA PHE A 128 -5.09 -2.99 15.40
C PHE A 128 -5.16 -3.44 16.84
N THR A 129 -5.91 -4.50 17.12
CA THR A 129 -5.95 -5.10 18.46
C THR A 129 -5.25 -6.44 18.53
N MET A 130 -4.68 -6.93 17.41
CA MET A 130 -3.88 -8.14 17.42
C MET A 130 -2.53 -7.96 18.11
N GLN A 131 -2.18 -8.94 18.93
CA GLN A 131 -0.85 -9.01 19.50
C GLN A 131 0.19 -9.23 18.40
N PRO A 132 1.22 -8.40 18.31
CA PRO A 132 2.27 -8.64 17.32
C PRO A 132 3.04 -9.91 17.61
N HIS A 133 3.54 -10.54 16.54
CA HIS A 133 4.37 -11.73 16.71
C HIS A 133 5.61 -11.58 15.84
N ARG A 134 6.47 -12.60 15.91
CA ARG A 134 7.75 -12.57 15.21
C ARG A 134 7.52 -12.28 13.74
N ALA A 135 8.38 -11.42 13.17
CA ALA A 135 8.35 -11.14 11.73
C ALA A 135 9.69 -10.57 11.31
N ASP A 136 10.14 -10.96 10.12
CA ASP A 136 11.31 -10.33 9.51
C ASP A 136 10.95 -9.14 8.64
N THR A 137 9.79 -9.19 7.99
CA THR A 137 9.28 -8.12 7.14
C THR A 137 7.85 -7.84 7.58
N VAL A 138 7.56 -6.57 7.89
CA VAL A 138 6.20 -6.19 8.28
C VAL A 138 5.64 -5.28 7.20
N MET A 139 4.55 -5.70 6.55
CA MET A 139 3.87 -4.84 5.60
C MET A 139 2.46 -4.52 6.05
N CYS A 140 2.01 -3.30 5.71
CA CYS A 140 0.65 -2.88 6.04
C CYS A 140 0.17 -1.91 4.97
N ASP A 141 -0.86 -2.30 4.22
CA ASP A 141 -1.39 -1.46 3.16
C ASP A 141 -2.77 -0.90 3.51
N ILE A 142 -2.94 -0.52 4.77
CA ILE A 142 -4.23 -0.08 5.28
C ILE A 142 -4.31 1.44 5.16
N GLY A 143 -5.47 1.92 4.70
CA GLY A 143 -5.77 3.33 4.67
C GLY A 143 -6.97 3.56 3.78
N GLU A 144 -8.15 3.60 4.37
CA GLU A 144 -9.36 3.81 3.59
C GLU A 144 -9.58 5.31 3.35
N SER A 145 -9.75 5.70 2.09
N SER A 145 -9.76 5.69 2.09
CA SER A 145 -9.95 7.10 1.77
CA SER A 145 -9.99 7.09 1.75
C SER A 145 -11.27 7.61 2.34
C SER A 145 -11.28 7.60 2.39
N SER A 146 -11.31 8.91 2.62
CA SER A 146 -12.51 9.58 3.11
C SER A 146 -12.44 10.98 2.53
N PRO A 147 -13.57 11.56 2.11
CA PRO A 147 -13.55 12.99 1.74
C PRO A 147 -13.17 13.89 2.88
N ASP A 148 -13.24 13.40 4.12
CA ASP A 148 -12.84 14.17 5.31
C ASP A 148 -11.35 13.93 5.57
N ALA A 149 -10.53 14.98 5.38
CA ALA A 149 -9.10 14.79 5.55
C ALA A 149 -8.72 14.50 6.99
N ALA A 150 -9.53 14.97 7.96
CA ALA A 150 -9.25 14.67 9.36
C ALA A 150 -9.47 13.19 9.65
N ILE A 151 -10.43 12.58 8.99
CA ILE A 151 -10.62 11.13 9.14
C ILE A 151 -9.45 10.39 8.49
N GLU A 152 -8.99 10.84 7.31
CA GLU A 152 -7.83 10.22 6.68
C GLU A 152 -6.60 10.31 7.59
N GLY A 153 -6.40 11.45 8.24
CA GLY A 153 -5.25 11.56 9.13
C GLY A 153 -5.33 10.60 10.31
N GLU A 154 -6.53 10.43 10.87
CA GLU A 154 -6.67 9.53 12.00
C GLU A 154 -6.48 8.08 11.57
N ARG A 155 -7.06 7.70 10.43
CA ARG A 155 -6.79 6.37 9.87
C ARG A 155 -5.30 6.14 9.72
N THR A 156 -4.59 7.15 9.20
CA THR A 156 -3.16 7.05 8.97
C THR A 156 -2.40 6.94 10.28
N ARG A 157 -2.73 7.78 11.26
CA ARG A 157 -2.07 7.71 12.56
C ARG A 157 -2.18 6.31 13.16
N LYS A 158 -3.34 5.66 13.00
CA LYS A 158 -3.55 4.32 13.55
C LYS A 158 -2.57 3.31 12.93
N VAL A 159 -2.36 3.42 11.62
CA VAL A 159 -1.39 2.54 10.95
C VAL A 159 0.01 2.76 11.51
N ILE A 160 0.41 4.03 11.67
CA ILE A 160 1.76 4.30 12.16
C ILE A 160 1.94 3.73 13.56
N LEU A 161 0.94 3.92 14.42
CA LEU A 161 1.00 3.36 15.76
C LEU A 161 1.09 1.84 15.72
N LEU A 162 0.34 1.21 14.82
CA LEU A 162 0.47 -0.23 14.64
C LEU A 162 1.89 -0.62 14.25
N MET A 163 2.50 0.14 13.35
N MET A 163 2.51 0.13 13.34
CA MET A 163 3.88 -0.16 12.94
CA MET A 163 3.88 -0.21 12.95
C MET A 163 4.84 -0.03 14.12
C MET A 163 4.87 -0.02 14.10
N GLU A 164 4.64 0.98 14.96
CA GLU A 164 5.47 1.11 16.16
C GLU A 164 5.34 -0.11 17.06
N GLN A 165 4.13 -0.67 17.13
CA GLN A 165 3.91 -1.85 17.96
C GLN A 165 4.63 -3.05 17.39
N TRP A 166 4.56 -3.23 16.07
CA TRP A 166 5.27 -4.36 15.48
C TRP A 166 6.77 -4.17 15.56
N LYS A 167 7.25 -2.92 15.51
CA LYS A 167 8.69 -2.69 15.63
C LYS A 167 9.15 -2.89 17.06
N ASN A 168 8.31 -2.58 18.04
N ASN A 168 8.31 -2.56 18.04
CA ASN A 168 8.67 -2.89 19.41
CA ASN A 168 8.64 -2.88 19.42
C ASN A 168 8.82 -4.39 19.62
C ASN A 168 8.86 -4.38 19.58
N ARG A 169 8.01 -5.19 18.92
CA ARG A 169 8.17 -6.64 18.99
C ARG A 169 9.36 -7.11 18.16
N ASN A 170 9.60 -6.47 17.01
CA ASN A 170 10.62 -6.88 16.03
C ASN A 170 11.50 -5.69 15.66
N PRO A 171 12.40 -5.26 16.54
CA PRO A 171 13.15 -4.03 16.28
C PRO A 171 13.97 -4.06 15.01
N SER A 172 14.33 -5.23 14.52
CA SER A 172 15.16 -5.35 13.33
C SER A 172 14.34 -5.57 12.07
N ALA A 173 13.02 -5.65 12.17
CA ALA A 173 12.19 -5.96 11.01
C ALA A 173 12.26 -4.88 9.95
N SER A 174 12.30 -5.30 8.69
CA SER A 174 12.01 -4.41 7.58
C SER A 174 10.52 -4.04 7.57
N CYS A 175 10.22 -2.76 7.33
CA CYS A 175 8.83 -2.29 7.34
C CYS A 175 8.48 -1.58 6.03
N VAL A 176 7.27 -1.82 5.54
CA VAL A 176 6.74 -1.04 4.44
C VAL A 176 5.26 -0.82 4.70
N PHE A 177 4.84 0.43 4.72
CA PHE A 177 3.42 0.61 4.99
C PHE A 177 2.87 1.82 4.27
N LYS A 178 1.57 1.74 3.97
CA LYS A 178 0.85 2.87 3.38
C LYS A 178 0.72 4.00 4.38
N VAL A 179 0.92 5.21 3.90
CA VAL A 179 0.66 6.43 4.65
C VAL A 179 -0.39 7.16 3.84
N LEU A 180 -1.66 6.96 4.20
CA LEU A 180 -2.76 7.44 3.39
C LEU A 180 -2.75 8.97 3.26
N ALA A 181 -2.60 9.69 4.37
CA ALA A 181 -2.67 11.14 4.36
C ALA A 181 -1.40 11.73 4.96
N PRO A 182 -0.28 11.68 4.23
CA PRO A 182 1.00 12.13 4.79
C PRO A 182 1.08 13.63 4.98
N TYR A 183 0.10 14.38 4.48
CA TYR A 183 0.10 15.84 4.59
C TYR A 183 -0.51 16.35 5.88
N ARG A 184 -1.13 15.48 6.68
CA ARG A 184 -1.74 15.92 7.93
C ARG A 184 -0.65 16.14 8.98
N PRO A 185 -0.65 17.30 9.66
CA PRO A 185 0.36 17.53 10.71
C PRO A 185 0.46 16.44 11.77
N GLU A 186 -0.67 15.85 12.19
CA GLU A 186 -0.60 14.78 13.18
C GLU A 186 0.09 13.54 12.63
N VAL A 187 -0.01 13.32 11.32
CA VAL A 187 0.70 12.22 10.68
C VAL A 187 2.19 12.52 10.59
N ILE A 188 2.54 13.74 10.15
CA ILE A 188 3.95 14.15 10.06
C ILE A 188 4.65 13.94 11.38
N GLU A 189 4.00 14.36 12.48
CA GLU A 189 4.61 14.17 13.80
C GLU A 189 4.90 12.70 14.07
N ALA A 190 3.92 11.83 13.83
CA ALA A 190 4.10 10.42 14.17
C ALA A 190 5.14 9.77 13.25
N LEU A 191 5.20 10.20 11.98
CA LEU A 191 6.20 9.66 11.05
C LEU A 191 7.61 10.11 11.41
N HIS A 192 7.76 11.40 11.75
N HIS A 192 7.76 11.39 11.79
CA HIS A 192 9.03 11.91 12.23
CA HIS A 192 9.06 11.89 12.19
C HIS A 192 9.55 11.06 13.38
C HIS A 192 9.57 11.12 13.41
N ARG A 193 8.69 10.81 14.37
CA ARG A 193 9.10 10.02 15.53
C ARG A 193 9.45 8.60 15.12
N PHE A 194 8.64 7.99 14.24
CA PHE A 194 9.00 6.70 13.68
C PHE A 194 10.39 6.74 13.03
N GLN A 195 10.60 7.73 12.16
CA GLN A 195 11.86 7.80 11.43
C GLN A 195 13.05 7.99 12.37
N LEU A 196 12.89 8.80 13.44
CA LEU A 196 14.01 9.04 14.35
C LEU A 196 14.43 7.78 15.11
N GLN A 197 13.50 6.86 15.35
CA GLN A 197 13.83 5.59 16.01
C GLN A 197 14.32 4.51 15.04
N TRP A 198 13.70 4.42 13.86
CA TRP A 198 13.83 3.24 13.01
C TRP A 198 14.40 3.55 11.63
N GLY A 199 14.62 4.81 11.30
CA GLY A 199 15.06 5.16 9.96
C GLY A 199 13.88 5.12 9.00
N GLY A 200 14.20 5.27 7.72
CA GLY A 200 13.23 5.13 6.64
C GLY A 200 12.87 6.47 6.01
N GLY A 201 11.93 6.39 5.08
CA GLY A 201 11.44 7.57 4.37
C GLY A 201 10.25 7.22 3.51
N LEU A 202 9.75 8.24 2.79
CA LEU A 202 8.48 8.14 2.06
C LEU A 202 8.75 8.17 0.56
N VAL A 203 7.92 7.46 -0.20
CA VAL A 203 8.01 7.50 -1.67
C VAL A 203 6.61 7.35 -2.26
N ARG A 204 6.38 8.03 -3.39
CA ARG A 204 5.13 7.97 -4.14
C ARG A 204 5.27 6.93 -5.25
N THR A 205 4.26 5.96 -5.33
CA THR A 205 4.36 5.05 -6.46
C THR A 205 3.63 5.63 -7.66
N PRO A 206 4.02 5.25 -8.88
CA PRO A 206 3.40 5.86 -10.07
C PRO A 206 2.04 5.29 -10.41
N PHE A 207 1.59 4.24 -9.70
CA PHE A 207 0.27 3.65 -9.92
C PHE A 207 -0.81 4.30 -9.07
N SER A 208 -0.45 5.07 -8.05
CA SER A 208 -1.48 5.72 -7.22
C SER A 208 -2.22 6.77 -8.02
N ARG A 209 -3.55 6.81 -7.88
CA ARG A 209 -4.32 7.82 -8.60
C ARG A 209 -4.12 9.19 -7.97
N ASN A 210 -4.36 10.25 -8.77
CA ASN A 210 -4.23 11.60 -8.25
C ASN A 210 -5.28 11.93 -7.21
N SER A 211 -6.34 11.13 -7.13
CA SER A 211 -7.36 11.38 -6.12
C SER A 211 -6.97 10.87 -4.75
N THR A 212 -5.74 10.40 -4.58
CA THR A 212 -5.25 10.02 -3.26
C THR A 212 -3.84 10.56 -3.07
N HIS A 213 -3.56 11.01 -1.85
CA HIS A 213 -2.23 11.48 -1.51
C HIS A 213 -1.34 10.38 -0.95
N GLU A 214 -1.77 9.13 -1.07
CA GLU A 214 -1.06 8.03 -0.40
C GLU A 214 0.40 8.00 -0.81
N MET A 215 1.27 7.82 0.17
CA MET A 215 2.68 7.53 -0.07
C MET A 215 3.04 6.32 0.78
N TYR A 216 4.15 5.67 0.43
CA TYR A 216 4.57 4.45 1.10
C TYR A 216 5.85 4.73 1.89
N TYR A 217 5.84 4.32 3.16
CA TYR A 217 6.99 4.46 4.03
C TYR A 217 7.72 3.13 4.08
N SER A 218 9.05 3.18 4.04
CA SER A 218 9.85 1.97 4.12
C SER A 218 11.13 2.27 4.89
N THR A 219 11.51 1.35 5.75
CA THR A 219 12.76 1.48 6.48
C THR A 219 14.00 1.36 5.58
N ALA A 220 13.83 0.93 4.32
CA ALA A 220 15.00 0.77 3.47
C ALA A 220 15.36 2.03 2.71
N ILE A 221 14.58 3.11 2.83
CA ILE A 221 15.00 4.35 2.17
C ILE A 221 15.22 5.43 3.20
N SER A 222 15.41 6.67 2.74
CA SER A 222 15.64 7.79 3.64
C SER A 222 15.01 9.02 3.01
N GLY A 223 15.20 10.15 3.65
CA GLY A 223 14.68 11.38 3.08
C GLY A 223 13.90 12.22 4.05
N ASN A 224 14.13 13.52 4.02
CA ASN A 224 13.33 14.43 4.82
C ASN A 224 11.85 14.25 4.51
N ILE A 225 11.04 14.03 5.56
CA ILE A 225 9.64 13.67 5.36
C ILE A 225 8.84 14.87 4.87
N VAL A 226 9.01 16.02 5.54
CA VAL A 226 8.27 17.20 5.12
C VAL A 226 8.56 17.56 3.65
N ASN A 227 9.84 17.48 3.24
CA ASN A 227 10.16 17.73 1.82
C ASN A 227 9.48 16.72 0.91
N SER A 228 9.56 15.43 1.25
CA SER A 228 8.90 14.41 0.42
C SER A 228 7.42 14.70 0.27
N VAL A 229 6.75 15.05 1.38
CA VAL A 229 5.31 15.33 1.32
C VAL A 229 5.03 16.55 0.45
N ASN A 230 5.72 17.66 0.71
CA ASN A 230 5.43 18.91 0.01
C ASN A 230 5.71 18.79 -1.49
N VAL A 231 6.81 18.12 -1.86
CA VAL A 231 7.06 17.85 -3.28
C VAL A 231 5.87 17.13 -3.90
N GLN A 232 5.34 16.13 -3.18
CA GLN A 232 4.22 15.38 -3.74
C GLN A 232 2.95 16.23 -3.81
N SER A 233 2.70 17.04 -2.77
CA SER A 233 1.50 17.88 -2.77
C SER A 233 1.53 18.85 -3.92
N ARG A 234 2.71 19.42 -4.21
CA ARG A 234 2.85 20.34 -5.33
C ARG A 234 2.59 19.65 -6.66
N LYS A 235 3.12 18.43 -6.81
CA LYS A 235 2.91 17.68 -8.05
C LYS A 235 1.43 17.33 -8.24
N LEU A 236 0.72 16.99 -7.16
CA LEU A 236 -0.71 16.69 -7.24
C LEU A 236 -1.51 17.95 -7.60
N LEU A 237 -1.15 19.10 -7.01
CA LEU A 237 -1.85 20.34 -7.29
C LEU A 237 -1.57 20.84 -8.69
N ALA A 238 -0.41 20.49 -9.25
CA ALA A 238 -0.05 20.88 -10.60
C ALA A 238 -0.78 20.08 -11.67
N ARG A 239 -1.31 18.91 -11.31
CA ARG A 239 -2.02 18.09 -12.29
C ARG A 239 -3.47 18.53 -12.48
N PHE A 240 -4.00 19.42 -11.64
CA PHE A 240 -5.33 19.94 -11.87
C PHE A 240 -5.34 20.69 -13.19
N GLY A 241 -6.25 20.27 -14.08
CA GLY A 241 -6.34 20.81 -15.41
C GLY A 241 -5.60 20.01 -16.46
N ASP A 242 -4.78 19.04 -16.04
CA ASP A 242 -4.02 18.24 -16.99
C ASP A 242 -4.97 17.34 -17.77
N GLN A 243 -4.69 17.18 -19.06
CA GLN A 243 -5.58 16.46 -19.98
C GLN A 243 -5.08 15.09 -20.38
N ARG A 244 -3.77 14.84 -20.33
CA ARG A 244 -3.23 13.52 -20.65
C ARG A 244 -3.96 12.45 -19.84
N GLY A 245 -4.17 11.28 -20.46
CA GLY A 245 -4.81 10.18 -19.76
C GLY A 245 -3.81 9.33 -18.99
N PRO A 246 -4.25 8.18 -18.49
CA PRO A 246 -3.32 7.24 -17.86
C PRO A 246 -2.45 6.54 -18.89
N ILE A 247 -1.38 5.92 -18.41
CA ILE A 247 -0.47 5.15 -19.25
C ILE A 247 -0.70 3.68 -18.92
N ARG A 248 -1.21 2.94 -19.90
CA ARG A 248 -1.54 1.54 -19.71
C ARG A 248 -0.30 0.67 -19.77
N VAL A 249 -0.12 -0.19 -18.77
CA VAL A 249 1.01 -1.12 -18.77
C VAL A 249 0.47 -2.52 -18.51
N PRO A 250 1.23 -3.56 -18.85
CA PRO A 250 0.77 -4.91 -18.56
C PRO A 250 0.64 -5.14 -17.07
N GLU A 251 -0.34 -5.96 -16.71
CA GLU A 251 -0.51 -6.36 -15.32
C GLU A 251 0.58 -7.34 -14.93
N MET A 252 0.90 -7.37 -13.64
CA MET A 252 1.89 -8.33 -13.16
C MET A 252 1.32 -9.73 -13.28
N ASP A 253 2.14 -10.66 -13.76
CA ASP A 253 1.79 -12.08 -13.81
C ASP A 253 2.90 -12.83 -13.11
N LEU A 254 2.63 -13.33 -11.92
CA LEU A 254 3.67 -13.99 -11.13
C LEU A 254 3.89 -15.44 -11.50
N GLY A 255 3.09 -15.98 -12.42
CA GLY A 255 3.08 -17.42 -12.66
C GLY A 255 2.36 -18.15 -11.55
N VAL A 256 2.22 -19.47 -11.72
CA VAL A 256 1.50 -20.32 -10.78
C VAL A 256 2.44 -21.41 -10.26
N GLY A 257 2.07 -21.99 -9.13
CA GLY A 257 2.78 -23.15 -8.61
C GLY A 257 3.13 -22.99 -7.15
N THR A 258 3.65 -24.07 -6.60
CA THR A 258 4.06 -24.09 -5.21
C THR A 258 5.54 -23.71 -5.11
N ARG A 259 5.92 -23.32 -3.89
CA ARG A 259 7.31 -23.09 -3.52
C ARG A 259 7.60 -23.94 -2.30
N HIS A 260 8.70 -24.71 -2.33
CA HIS A 260 9.02 -25.61 -1.23
C HIS A 260 10.48 -25.49 -0.76
#